data_6ZK6
#
_entry.id   6ZK6
#
_cell.length_a   38.546
_cell.length_b   68.749
_cell.length_c   127.846
_cell.angle_alpha   90.000
_cell.angle_beta   90.000
_cell.angle_gamma   90.000
#
_symmetry.space_group_name_H-M   'P 2 21 21'
#
loop_
_entity.id
_entity.type
_entity.pdbx_description
1 polymer 'Serine/threonine-protein phosphatase PP1-alpha catalytic subunit'
2 non-polymer 'MANGANESE (II) ION'
3 non-polymer 'FE (III) ION'
4 non-polymer 'PHOSPHATE ION'
5 water water
#
_entity_poly.entity_id   1
_entity_poly.type   'polypeptide(L)'
_entity_poly.pdbx_seq_one_letter_code
;GMSDSEKLNLDSIIGRLLEVQGSRPGKNVQLTENEIRGLCLKSREIFLSQPILLELEAPLKICGDIHGQYYDLLRLFEYG
GFPPESNYLFLGDYVDRGKQSLETICLLLAYKIKYPENFFLLRGNHE(CSD)ASINRIYGFYDECKRRYNIKLWKTFTDC
FNCLPIAAIVDEKIFCCHGGLSPDLQSMEQIRRIMRPTDVPDQGLLCDLLWSDPDKDVQGWGENDRGVSFTFGAEVVAKF
LHKHDLDLICRAHQVVEDGYEFFAKRQLVTLFSAPNY(CSO)GEFDNAGAMMSVDETLMCSFQILKPADKNKGKYGQFSG
LNPGGRPIEPPRNSAKAKK
;
_entity_poly.pdbx_strand_id   A
#
loop_
_chem_comp.id
_chem_comp.type
_chem_comp.name
_chem_comp.formula
FE non-polymer 'FE (III) ION' 'Fe 3'
MN non-polymer 'MANGANESE (II) ION' 'Mn 2'
PO4 non-polymer 'PHOSPHATE ION' 'O4 P -3'
#
# COMPACT_ATOMS: atom_id res chain seq x y z
N ASN A 9 -23.86 -6.17 5.81
CA ASN A 9 -24.18 -4.93 6.52
C ASN A 9 -23.00 -3.99 6.39
N LEU A 10 -22.68 -3.66 5.15
CA LEU A 10 -21.47 -2.91 4.90
C LEU A 10 -21.57 -1.48 5.38
N ASP A 11 -22.75 -0.86 5.30
CA ASP A 11 -22.85 0.52 5.76
C ASP A 11 -22.73 0.61 7.27
N SER A 12 -23.24 -0.38 8.00
CA SER A 12 -23.09 -0.38 9.45
C SER A 12 -21.63 -0.54 9.85
N ILE A 13 -20.89 -1.40 9.16
CA ILE A 13 -19.46 -1.57 9.44
C ILE A 13 -18.73 -0.26 9.25
N ILE A 14 -18.96 0.41 8.11
CA ILE A 14 -18.26 1.65 7.83
C ILE A 14 -18.65 2.71 8.85
N GLY A 15 -19.94 2.76 9.19
CA GLY A 15 -20.39 3.73 10.18
C GLY A 15 -19.72 3.55 11.52
N ARG A 16 -19.62 2.31 11.98
CA ARG A 16 -18.96 2.08 13.25
C ARG A 16 -17.46 2.33 13.15
N LEU A 17 -16.84 2.09 11.99
CA LEU A 17 -15.42 2.37 11.87
C LEU A 17 -15.16 3.87 11.88
N LEU A 18 -16.04 4.64 11.29
CA LEU A 18 -15.87 6.09 11.19
C LEU A 18 -16.35 6.83 12.43
N GLU A 19 -17.12 6.18 13.30
CA GLU A 19 -17.63 6.85 14.48
C GLU A 19 -16.51 7.47 15.32
N VAL A 20 -15.35 6.84 15.38
CA VAL A 20 -14.29 7.32 16.27
C VAL A 20 -13.57 8.50 15.68
N GLN A 21 -14.11 9.07 14.59
CA GLN A 21 -13.55 10.30 14.02
C GLN A 21 -13.50 11.41 15.05
N GLY A 22 -12.43 12.19 15.02
CA GLY A 22 -12.26 13.29 15.94
C GLY A 22 -11.93 12.91 17.36
N SER A 23 -11.95 11.62 17.70
CA SER A 23 -11.62 11.13 19.03
C SER A 23 -10.12 11.21 19.28
N ARG A 24 -9.75 11.01 20.55
CA ARG A 24 -8.35 10.88 20.92
C ARG A 24 -7.79 9.57 20.37
N PRO A 25 -6.58 9.59 19.80
CA PRO A 25 -6.05 8.38 19.15
C PRO A 25 -5.98 7.21 20.12
N GLY A 26 -6.26 6.01 19.60
CA GLY A 26 -6.15 4.77 20.34
C GLY A 26 -7.47 4.07 20.61
N LYS A 27 -8.59 4.80 20.63
CA LYS A 27 -9.90 4.19 20.88
C LYS A 27 -10.18 3.11 19.83
N ASN A 28 -10.49 1.90 20.30
CA ASN A 28 -10.67 0.77 19.41
C ASN A 28 -12.06 0.76 18.80
N VAL A 29 -12.14 0.12 17.63
CA VAL A 29 -13.41 -0.30 17.04
C VAL A 29 -13.29 -1.81 16.90
N GLN A 30 -14.13 -2.52 17.62
CA GLN A 30 -14.11 -3.97 17.67
C GLN A 30 -15.37 -4.43 16.95
N LEU A 31 -15.22 -4.78 15.68
CA LEU A 31 -16.26 -5.40 14.88
C LEU A 31 -16.42 -6.86 15.29
N THR A 32 -17.49 -7.51 14.83
CA THR A 32 -17.63 -8.92 15.17
C THR A 32 -16.72 -9.76 14.29
N GLU A 33 -16.43 -10.98 14.77
CA GLU A 33 -15.61 -11.88 13.96
C GLU A 33 -16.26 -12.14 12.62
N ASN A 34 -17.57 -12.38 12.61
CA ASN A 34 -18.23 -12.71 11.36
C ASN A 34 -18.20 -11.54 10.38
N GLU A 35 -18.35 -10.30 10.87
CA GLU A 35 -18.19 -9.14 10.01
C GLU A 35 -16.81 -9.10 9.37
N ILE A 36 -15.76 -9.31 10.17
CA ILE A 36 -14.42 -9.23 9.64
C ILE A 36 -14.17 -10.35 8.63
N ARG A 37 -14.58 -11.58 8.96
CA ARG A 37 -14.45 -12.68 8.01
C ARG A 37 -15.20 -12.37 6.71
N GLY A 38 -16.38 -11.76 6.83
CA GLY A 38 -17.09 -11.30 5.64
C GLY A 38 -16.25 -10.36 4.78
N LEU A 39 -15.61 -9.36 5.42
CA LEU A 39 -14.81 -8.42 4.66
C LEU A 39 -13.70 -9.11 3.88
N CYS A 40 -12.98 -10.04 4.53
CA CYS A 40 -11.92 -10.73 3.81
C CYS A 40 -12.45 -11.54 2.64
N LEU A 41 -13.56 -12.24 2.83
CA LEU A 41 -14.01 -13.16 1.80
C LEU A 41 -14.53 -12.42 0.58
N LYS A 42 -15.24 -11.30 0.77
CA LYS A 42 -15.77 -10.60 -0.39
C LYS A 42 -14.70 -9.79 -1.10
N SER A 43 -13.79 -9.16 -0.33
CA SER A 43 -12.70 -8.44 -0.97
C SER A 43 -11.77 -9.38 -1.72
N ARG A 44 -11.50 -10.57 -1.16
CA ARG A 44 -10.67 -11.54 -1.85
C ARG A 44 -11.19 -11.87 -3.24
N GLU A 45 -12.51 -12.15 -3.37
CA GLU A 45 -13.04 -12.43 -4.69
C GLU A 45 -12.97 -11.22 -5.63
N ILE A 46 -13.12 -10.00 -5.10
CA ILE A 46 -12.92 -8.82 -5.96
C ILE A 46 -11.47 -8.74 -6.42
N PHE A 47 -10.51 -8.86 -5.50
CA PHE A 47 -9.10 -8.83 -5.90
C PHE A 47 -8.81 -9.83 -7.02
N LEU A 48 -9.30 -11.06 -6.87
CA LEU A 48 -9.02 -12.09 -7.88
C LEU A 48 -9.73 -11.82 -9.21
N SER A 49 -10.88 -11.15 -9.19
CA SER A 49 -11.54 -10.86 -10.46
C SER A 49 -10.86 -9.72 -11.21
N GLN A 50 -10.07 -8.91 -10.53
CA GLN A 50 -9.39 -7.78 -11.13
C GLN A 50 -7.96 -8.15 -11.44
N PRO A 51 -7.33 -7.45 -12.39
CA PRO A 51 -5.99 -7.82 -12.82
C PRO A 51 -4.95 -7.64 -11.71
N ILE A 52 -3.87 -8.39 -11.82
CA ILE A 52 -2.81 -8.26 -10.82
C ILE A 52 -1.96 -7.02 -11.08
N LEU A 53 -1.98 -6.52 -12.33
CA LEU A 53 -1.34 -5.28 -12.73
C LEU A 53 -2.50 -4.36 -13.09
N LEU A 54 -2.87 -3.46 -12.19
CA LEU A 54 -4.04 -2.63 -12.43
C LEU A 54 -3.75 -1.55 -13.48
N GLU A 55 -4.77 -1.22 -14.27
CA GLU A 55 -4.76 -0.18 -15.29
C GLU A 55 -5.69 0.93 -14.80
N LEU A 56 -5.14 1.98 -14.23
CA LEU A 56 -5.97 2.99 -13.57
C LEU A 56 -5.94 4.29 -14.37
N GLU A 57 -6.95 5.13 -14.14
CA GLU A 57 -7.10 6.43 -14.78
C GLU A 57 -7.21 7.52 -13.73
N ALA A 58 -6.58 8.66 -14.00
CA ALA A 58 -6.74 9.84 -13.18
C ALA A 58 -8.16 10.39 -13.34
N PRO A 59 -8.67 11.16 -12.35
CA PRO A 59 -8.05 11.63 -11.11
C PRO A 59 -7.95 10.54 -10.07
N LEU A 60 -6.90 10.58 -9.26
CA LEU A 60 -6.65 9.55 -8.28
C LEU A 60 -5.88 10.18 -7.12
N LYS A 61 -6.16 9.75 -5.90
CA LYS A 61 -5.28 10.02 -4.76
C LYS A 61 -4.44 8.77 -4.51
N ILE A 62 -3.14 8.96 -4.30
CA ILE A 62 -2.25 7.84 -4.04
C ILE A 62 -1.62 8.01 -2.66
N CYS A 63 -1.67 6.94 -1.84
CA CYS A 63 -1.21 6.92 -0.45
C CYS A 63 -0.18 5.83 -0.25
N GLY A 64 0.87 6.12 0.51
CA GLY A 64 1.85 5.13 0.91
C GLY A 64 1.52 4.47 2.25
N ASP A 65 2.57 4.08 2.97
CA ASP A 65 2.42 3.17 4.13
C ASP A 65 1.49 3.75 5.20
N ILE A 66 0.71 2.87 5.83
CA ILE A 66 -0.17 3.25 6.95
C ILE A 66 0.27 2.57 8.25
N HIS A 67 0.63 1.29 8.19
CA HIS A 67 1.09 0.51 9.36
C HIS A 67 0.20 0.69 10.60
N GLY A 68 -1.09 0.42 10.42
CA GLY A 68 -2.00 0.36 11.55
C GLY A 68 -2.22 1.66 12.29
N GLN A 69 -1.76 2.80 11.75
CA GLN A 69 -2.01 4.12 12.36
C GLN A 69 -3.38 4.59 11.91
N TYR A 70 -4.40 3.98 12.51
CA TYR A 70 -5.77 4.15 12.04
C TYR A 70 -6.23 5.61 12.13
N TYR A 71 -5.86 6.31 13.19
CA TYR A 71 -6.30 7.71 13.24
C TYR A 71 -5.64 8.56 12.18
N ASP A 72 -4.47 8.18 11.69
CA ASP A 72 -3.90 8.88 10.56
C ASP A 72 -4.56 8.48 9.24
N LEU A 73 -5.04 7.24 9.11
CA LEU A 73 -5.84 6.89 7.95
C LEU A 73 -7.09 7.76 7.89
N LEU A 74 -7.77 7.94 9.01
CA LEU A 74 -8.94 8.81 9.03
C LEU A 74 -8.57 10.25 8.64
N ARG A 75 -7.44 10.73 9.14
CA ARG A 75 -6.95 12.05 8.73
C ARG A 75 -6.78 12.15 7.21
N LEU A 76 -6.17 11.13 6.59
CA LEU A 76 -6.01 11.14 5.14
C LEU A 76 -7.35 11.30 4.42
N PHE A 77 -8.35 10.52 4.82
CA PHE A 77 -9.66 10.66 4.20
C PHE A 77 -10.25 12.03 4.48
N GLU A 78 -9.99 12.60 5.66
CA GLU A 78 -10.48 13.95 5.93
C GLU A 78 -9.84 14.96 4.98
N TYR A 79 -8.55 14.83 4.71
CA TYR A 79 -7.89 15.72 3.75
C TYR A 79 -8.24 15.40 2.31
N GLY A 80 -8.28 14.12 1.96
CA GLY A 80 -8.39 13.72 0.56
C GLY A 80 -9.83 13.66 0.11
N GLY A 81 -10.75 13.50 1.07
CA GLY A 81 -12.15 13.27 0.76
C GLY A 81 -12.50 11.82 1.01
N PHE A 82 -13.52 11.58 1.81
CA PHE A 82 -13.95 10.20 2.05
C PHE A 82 -14.53 9.60 0.76
N PRO A 83 -14.23 8.34 0.46
CA PRO A 83 -14.88 7.69 -0.70
C PRO A 83 -16.38 7.83 -0.61
N PRO A 84 -17.08 8.03 -1.74
CA PRO A 84 -16.52 8.02 -3.10
C PRO A 84 -16.15 9.40 -3.65
N GLU A 85 -16.04 10.40 -2.77
CA GLU A 85 -15.73 11.75 -3.21
C GLU A 85 -14.40 11.83 -3.95
N SER A 86 -13.48 10.95 -3.62
CA SER A 86 -12.19 10.82 -4.29
C SER A 86 -11.93 9.35 -4.56
N ASN A 87 -11.13 9.08 -5.59
CA ASN A 87 -10.65 7.74 -5.91
C ASN A 87 -9.27 7.53 -5.31
N TYR A 88 -9.01 6.31 -4.84
CA TYR A 88 -7.83 6.06 -4.04
C TYR A 88 -7.05 4.86 -4.56
N LEU A 89 -5.73 5.00 -4.54
CA LEU A 89 -4.82 3.88 -4.70
C LEU A 89 -3.89 3.90 -3.50
N PHE A 90 -3.89 2.83 -2.72
CA PHE A 90 -2.94 2.64 -1.62
C PHE A 90 -1.82 1.71 -2.05
N LEU A 91 -0.60 1.97 -1.58
CA LEU A 91 0.56 1.23 -2.07
C LEU A 91 1.01 0.09 -1.14
N GLY A 92 0.25 -0.27 -0.12
CA GLY A 92 0.64 -1.44 0.67
C GLY A 92 1.02 -1.08 2.11
N ASP A 93 1.33 -2.13 2.88
CA ASP A 93 1.85 -2.01 4.27
C ASP A 93 0.80 -1.35 5.15
N TYR A 94 -0.39 -1.96 5.13
CA TYR A 94 -1.54 -1.56 5.95
C TYR A 94 -1.40 -1.96 7.40
N VAL A 95 -0.67 -3.02 7.71
CA VAL A 95 -0.70 -3.65 9.01
C VAL A 95 0.72 -3.69 9.54
N ASP A 96 0.84 -4.10 10.83
CA ASP A 96 2.06 -4.19 11.64
C ASP A 96 2.52 -2.84 12.19
N ARG A 97 3.22 -2.89 13.32
CA ARG A 97 3.85 -1.78 14.05
C ARG A 97 2.88 -0.86 14.77
N GLY A 98 1.84 -0.39 14.10
CA GLY A 98 0.85 0.46 14.76
C GLY A 98 -0.04 -0.33 15.69
N LYS A 99 -0.83 0.41 16.46
CA LYS A 99 -1.69 -0.19 17.47
C LYS A 99 -3.03 -0.63 16.92
N GLN A 100 -3.39 -0.25 15.71
CA GLN A 100 -4.74 -0.46 15.21
C GLN A 100 -4.73 -0.99 13.77
N SER A 101 -3.98 -2.08 13.54
CA SER A 101 -3.94 -2.67 12.21
C SER A 101 -5.30 -3.20 11.82
N LEU A 102 -6.05 -3.72 12.78
CA LEU A 102 -7.34 -4.33 12.45
C LEU A 102 -8.33 -3.29 11.94
N GLU A 103 -8.42 -2.14 12.63
CA GLU A 103 -9.29 -1.07 12.16
C GLU A 103 -8.86 -0.61 10.77
N THR A 104 -7.55 -0.46 10.57
CA THR A 104 -7.02 0.04 9.31
C THR A 104 -7.39 -0.88 8.15
N ILE A 105 -7.03 -2.17 8.24
CA ILE A 105 -7.31 -3.03 7.10
C ILE A 105 -8.82 -3.20 6.93
N CYS A 106 -9.56 -3.22 8.03
CA CYS A 106 -11.01 -3.42 7.90
C CYS A 106 -11.67 -2.27 7.15
N LEU A 107 -11.31 -1.01 7.44
CA LEU A 107 -11.91 0.07 6.69
C LEU A 107 -11.47 0.05 5.22
N LEU A 108 -10.21 -0.30 4.96
CA LEU A 108 -9.76 -0.36 3.57
C LEU A 108 -10.48 -1.46 2.79
N LEU A 109 -10.67 -2.62 3.40
CA LEU A 109 -11.41 -3.71 2.75
C LEU A 109 -12.86 -3.35 2.55
N ALA A 110 -13.46 -2.68 3.55
CA ALA A 110 -14.85 -2.25 3.42
C ALA A 110 -15.01 -1.26 2.27
N TYR A 111 -14.06 -0.33 2.11
CA TYR A 111 -14.17 0.60 1.00
C TYR A 111 -13.91 -0.09 -0.34
N LYS A 112 -13.05 -1.12 -0.37
CA LYS A 112 -12.83 -1.85 -1.63
C LYS A 112 -14.09 -2.57 -2.07
N ILE A 113 -14.83 -3.14 -1.12
CA ILE A 113 -16.08 -3.84 -1.44
C ILE A 113 -17.16 -2.87 -1.87
N LYS A 114 -17.24 -1.72 -1.21
CA LYS A 114 -18.33 -0.81 -1.54
C LYS A 114 -18.05 -0.06 -2.85
N TYR A 115 -16.80 0.30 -3.14
CA TYR A 115 -16.46 1.08 -4.33
C TYR A 115 -15.41 0.35 -5.14
N PRO A 116 -15.75 -0.81 -5.70
CA PRO A 116 -14.70 -1.68 -6.21
C PRO A 116 -14.01 -1.17 -7.45
N GLU A 117 -14.62 -0.23 -8.19
CA GLU A 117 -13.99 0.35 -9.37
C GLU A 117 -13.30 1.67 -9.08
N ASN A 118 -13.34 2.16 -7.84
CA ASN A 118 -12.80 3.49 -7.54
C ASN A 118 -11.93 3.46 -6.31
N PHE A 119 -11.62 2.29 -5.79
CA PHE A 119 -10.84 2.16 -4.57
C PHE A 119 -9.92 0.96 -4.79
N PHE A 120 -8.60 1.15 -4.62
CA PHE A 120 -7.65 0.10 -4.95
C PHE A 120 -6.54 0.01 -3.92
N LEU A 121 -6.11 -1.24 -3.69
CA LEU A 121 -5.12 -1.60 -2.68
C LEU A 121 -4.08 -2.47 -3.33
N LEU A 122 -2.81 -2.07 -3.23
CA LEU A 122 -1.73 -2.94 -3.67
C LEU A 122 -1.19 -3.72 -2.48
N ARG A 123 -0.47 -4.79 -2.78
CA ARG A 123 0.21 -5.58 -1.78
C ARG A 123 1.52 -4.92 -1.37
N GLY A 124 1.74 -4.74 -0.06
CA GLY A 124 3.05 -4.36 0.45
C GLY A 124 3.76 -5.59 1.03
N ASN A 125 5.04 -5.40 1.44
CA ASN A 125 5.75 -6.56 1.93
C ASN A 125 5.22 -6.99 3.28
N HIS A 126 4.47 -6.14 3.98
CA HIS A 126 3.83 -6.58 5.23
C HIS A 126 2.52 -7.32 5.00
N GLU A 127 2.02 -7.38 3.77
CA GLU A 127 0.86 -8.21 3.55
C GLU A 127 1.33 -9.60 3.18
N CSD A 128 2.01 -10.23 4.14
CA CSD A 128 2.65 -11.53 4.01
CB CSD A 128 4.07 -11.38 3.43
SG CSD A 128 4.99 -12.83 2.89
C CSD A 128 2.68 -12.14 5.42
O CSD A 128 3.15 -11.50 6.34
OD1 CSD A 128 4.05 -13.82 2.29
OD2 CSD A 128 5.27 -13.51 4.42
N ALA A 129 2.21 -13.37 5.58
CA ALA A 129 2.09 -13.99 6.89
C ALA A 129 3.41 -14.05 7.61
N SER A 130 4.49 -14.42 6.92
CA SER A 130 5.73 -14.60 7.66
C SER A 130 6.26 -13.29 8.23
N ILE A 131 5.91 -12.16 7.60
CA ILE A 131 6.33 -10.84 8.08
C ILE A 131 5.42 -10.35 9.19
N ASN A 132 4.13 -10.44 8.99
CA ASN A 132 3.28 -9.81 10.00
C ASN A 132 3.07 -10.76 11.18
N ARG A 133 3.65 -11.96 11.10
CA ARG A 133 3.83 -12.79 12.29
C ARG A 133 4.85 -12.16 13.25
N ILE A 134 5.90 -11.56 12.70
CA ILE A 134 7.00 -10.95 13.44
C ILE A 134 6.62 -9.55 13.94
N TYR A 135 5.88 -8.79 13.13
CA TYR A 135 5.77 -7.34 13.34
C TYR A 135 4.44 -6.87 13.93
N GLY A 136 3.60 -7.77 14.44
CA GLY A 136 2.52 -7.36 15.32
C GLY A 136 1.14 -7.75 14.88
N PHE A 137 0.90 -7.97 13.58
CA PHE A 137 -0.47 -8.24 13.15
C PHE A 137 -0.96 -9.58 13.65
N TYR A 138 -0.12 -10.63 13.63
CA TYR A 138 -0.50 -11.90 14.24
C TYR A 138 -0.91 -11.73 15.70
N ASP A 139 -0.10 -11.00 16.47
CA ASP A 139 -0.41 -10.83 17.89
C ASP A 139 -1.71 -10.08 18.09
N GLU A 140 -1.95 -9.05 17.28
CA GLU A 140 -3.19 -8.28 17.39
C GLU A 140 -4.41 -9.13 17.07
N CYS A 141 -4.35 -9.94 16.00
CA CYS A 141 -5.45 -10.85 15.70
C CYS A 141 -5.67 -11.87 16.81
N LYS A 142 -4.59 -12.46 17.32
CA LYS A 142 -4.71 -13.48 18.35
C LYS A 142 -5.35 -12.91 19.61
N ARG A 143 -4.97 -11.69 19.98
CA ARG A 143 -5.45 -11.10 21.22
C ARG A 143 -6.91 -10.67 21.08
N ARG A 144 -7.26 -10.04 19.97
CA ARG A 144 -8.60 -9.48 19.84
C ARG A 144 -9.60 -10.45 19.20
N TYR A 145 -9.12 -11.48 18.48
CA TYR A 145 -10.01 -12.42 17.81
C TYR A 145 -9.44 -13.80 17.99
N ASN A 146 -8.84 -14.39 16.96
CA ASN A 146 -8.16 -15.67 17.11
C ASN A 146 -7.23 -15.88 15.92
N ILE A 147 -6.45 -16.95 15.98
CA ILE A 147 -5.48 -17.22 14.94
C ILE A 147 -6.16 -17.57 13.62
N LYS A 148 -7.33 -18.23 13.65
CA LYS A 148 -7.98 -18.59 12.39
C LYS A 148 -8.35 -17.34 11.60
N LEU A 149 -8.72 -16.26 12.29
CA LEU A 149 -9.01 -15.02 11.59
C LEU A 149 -7.75 -14.42 10.98
N TRP A 150 -6.60 -14.51 11.66
CA TRP A 150 -5.36 -14.08 11.03
C TRP A 150 -5.08 -14.88 9.74
N LYS A 151 -5.34 -16.20 9.75
CA LYS A 151 -5.16 -17.01 8.55
C LYS A 151 -6.12 -16.59 7.44
N THR A 152 -7.35 -16.20 7.81
CA THR A 152 -8.29 -15.65 6.85
C THR A 152 -7.75 -14.35 6.22
N PHE A 153 -7.13 -13.46 7.02
CA PHE A 153 -6.55 -12.26 6.42
C PHE A 153 -5.41 -12.62 5.47
N THR A 154 -4.58 -13.60 5.86
CA THR A 154 -3.45 -14.06 5.03
C THR A 154 -3.93 -14.53 3.67
N ASP A 155 -4.97 -15.36 3.65
CA ASP A 155 -5.50 -15.84 2.39
C ASP A 155 -5.97 -14.67 1.53
N CYS A 156 -6.52 -13.65 2.16
CA CYS A 156 -6.94 -12.46 1.44
C CYS A 156 -5.75 -11.64 0.93
N PHE A 157 -4.74 -11.38 1.79
CA PHE A 157 -3.51 -10.67 1.37
C PHE A 157 -2.82 -11.34 0.18
N ASN A 158 -2.85 -12.67 0.14
CA ASN A 158 -2.20 -13.45 -0.92
C ASN A 158 -2.82 -13.20 -2.28
N CYS A 159 -3.98 -12.56 -2.32
CA CYS A 159 -4.65 -12.23 -3.58
C CYS A 159 -4.56 -10.78 -3.97
N LEU A 160 -3.89 -9.93 -3.19
CA LEU A 160 -3.83 -8.51 -3.56
C LEU A 160 -3.08 -8.32 -4.90
N PRO A 161 -3.48 -7.33 -5.70
CA PRO A 161 -2.64 -6.96 -6.86
C PRO A 161 -1.31 -6.37 -6.43
N ILE A 162 -0.37 -6.37 -7.37
CA ILE A 162 1.03 -6.14 -7.08
C ILE A 162 1.52 -4.78 -7.60
N ALA A 163 0.91 -4.28 -8.66
CA ALA A 163 1.38 -3.05 -9.28
C ALA A 163 0.19 -2.41 -9.99
N ALA A 164 0.37 -1.14 -10.33
CA ALA A 164 -0.62 -0.38 -11.07
C ALA A 164 0.09 0.57 -12.02
N ILE A 165 -0.51 0.79 -13.17
CA ILE A 165 -0.07 1.83 -14.09
C ILE A 165 -1.22 2.82 -14.25
N VAL A 166 -0.96 4.08 -13.94
CA VAL A 166 -1.97 5.11 -14.04
C VAL A 166 -1.77 5.86 -15.36
N ASP A 167 -2.82 5.82 -16.21
CA ASP A 167 -2.90 6.49 -17.52
C ASP A 167 -1.69 6.22 -18.41
N GLU A 168 -1.23 4.96 -18.38
CA GLU A 168 -0.09 4.47 -19.16
C GLU A 168 1.20 5.20 -18.85
N LYS A 169 1.27 6.00 -17.77
CA LYS A 169 2.47 6.81 -17.53
C LYS A 169 3.04 6.71 -16.12
N ILE A 170 2.29 6.37 -15.10
CA ILE A 170 2.84 6.28 -13.75
C ILE A 170 2.79 4.82 -13.33
N PHE A 171 3.97 4.24 -13.11
CA PHE A 171 4.09 2.87 -12.61
C PHE A 171 4.15 2.88 -11.09
N CYS A 172 3.17 2.24 -10.44
CA CYS A 172 3.06 2.19 -8.98
C CYS A 172 3.30 0.79 -8.42
N CYS A 173 4.06 0.69 -7.34
CA CYS A 173 4.19 -0.55 -6.59
C CYS A 173 4.77 -0.16 -5.23
N HIS A 174 4.73 -1.10 -4.30
CA HIS A 174 5.14 -0.79 -2.93
C HIS A 174 6.63 -0.52 -2.84
N GLY A 175 7.44 -1.49 -3.29
CA GLY A 175 8.89 -1.46 -3.15
C GLY A 175 9.59 -0.75 -4.30
N GLY A 176 9.75 -1.40 -5.44
CA GLY A 176 10.50 -0.76 -6.50
C GLY A 176 10.76 -1.70 -7.64
N LEU A 177 11.83 -1.43 -8.38
CA LEU A 177 12.10 -2.17 -9.58
C LEU A 177 12.75 -3.50 -9.25
N SER A 178 12.86 -4.36 -10.27
CA SER A 178 13.46 -5.67 -10.15
C SER A 178 14.41 -5.87 -11.32
N PRO A 179 15.59 -6.48 -11.11
CA PRO A 179 16.44 -6.81 -12.27
C PRO A 179 15.83 -7.86 -13.14
N ASP A 180 14.86 -8.60 -12.65
CA ASP A 180 14.16 -9.60 -13.44
C ASP A 180 13.00 -9.04 -14.24
N LEU A 181 12.65 -7.77 -14.05
CA LEU A 181 11.49 -7.17 -14.71
C LEU A 181 11.90 -6.69 -16.12
N GLN A 182 11.59 -7.47 -17.14
CA GLN A 182 11.85 -7.10 -18.54
C GLN A 182 10.63 -6.55 -19.26
N SER A 183 9.44 -7.08 -18.97
CA SER A 183 8.22 -6.65 -19.63
C SER A 183 7.05 -6.75 -18.64
N MET A 184 6.06 -5.88 -18.83
CA MET A 184 4.92 -5.88 -17.92
C MET A 184 4.17 -7.21 -17.97
N GLU A 185 4.36 -7.97 -19.04
CA GLU A 185 3.71 -9.29 -19.10
C GLU A 185 4.20 -10.22 -17.99
N GLN A 186 5.44 -10.04 -17.53
CA GLN A 186 5.93 -10.88 -16.44
C GLN A 186 5.14 -10.63 -15.17
N ILE A 187 4.72 -9.39 -14.93
CA ILE A 187 3.89 -9.14 -13.75
C ILE A 187 2.52 -9.77 -13.92
N ARG A 188 1.93 -9.59 -15.12
CA ARG A 188 0.62 -10.16 -15.41
C ARG A 188 0.56 -11.66 -15.29
N ARG A 189 1.70 -12.37 -15.44
CA ARG A 189 1.71 -13.83 -15.36
C ARG A 189 1.96 -14.34 -13.93
N ILE A 190 2.13 -13.46 -12.95
CA ILE A 190 2.20 -13.91 -11.57
C ILE A 190 0.84 -14.47 -11.14
N MET A 191 0.84 -15.70 -10.68
CA MET A 191 -0.39 -16.38 -10.30
C MET A 191 -0.71 -16.13 -8.83
N ARG A 192 -1.98 -15.89 -8.53
CA ARG A 192 -2.46 -15.69 -7.18
C ARG A 192 -3.49 -16.75 -6.85
N PRO A 193 -3.66 -17.10 -5.55
CA PRO A 193 -2.87 -16.61 -4.41
C PRO A 193 -1.46 -17.18 -4.38
N THR A 194 -0.54 -16.41 -3.85
CA THR A 194 0.80 -16.90 -3.61
C THR A 194 1.35 -16.16 -2.40
N ASP A 195 2.26 -16.82 -1.68
CA ASP A 195 3.08 -16.12 -0.71
C ASP A 195 4.19 -15.39 -1.45
N VAL A 196 4.75 -14.38 -0.81
CA VAL A 196 5.88 -13.65 -1.38
C VAL A 196 7.12 -14.51 -1.26
N PRO A 197 7.81 -14.84 -2.36
CA PRO A 197 9.04 -15.65 -2.23
C PRO A 197 10.18 -14.81 -1.66
N ASP A 198 11.24 -15.50 -1.28
CA ASP A 198 12.43 -14.90 -0.69
C ASP A 198 13.32 -14.19 -1.71
N GLN A 199 13.09 -14.41 -3.01
CA GLN A 199 13.85 -13.77 -4.06
C GLN A 199 12.99 -13.77 -5.32
N GLY A 200 13.39 -12.97 -6.31
CA GLY A 200 12.74 -12.97 -7.60
C GLY A 200 11.80 -11.79 -7.76
N LEU A 201 11.08 -11.79 -8.90
CA LEU A 201 10.35 -10.58 -9.33
C LEU A 201 9.34 -10.10 -8.30
N LEU A 202 8.48 -10.99 -7.82
CA LEU A 202 7.49 -10.56 -6.82
C LEU A 202 8.15 -10.02 -5.54
N CYS A 203 9.21 -10.68 -5.07
CA CYS A 203 9.95 -10.16 -3.93
C CYS A 203 10.44 -8.73 -4.17
N ASP A 204 11.12 -8.50 -5.30
CA ASP A 204 11.71 -7.19 -5.58
C ASP A 204 10.65 -6.09 -5.69
N LEU A 205 9.52 -6.40 -6.32
CA LEU A 205 8.47 -5.38 -6.44
C LEU A 205 7.99 -4.92 -5.08
N LEU A 206 8.06 -5.79 -4.09
CA LEU A 206 7.57 -5.48 -2.76
C LEU A 206 8.68 -4.98 -1.81
N TRP A 207 9.96 -5.18 -2.15
CA TRP A 207 11.05 -5.02 -1.20
C TRP A 207 12.19 -4.10 -1.61
N SER A 208 12.33 -3.77 -2.90
CA SER A 208 13.54 -3.05 -3.30
C SER A 208 13.44 -1.57 -2.96
N ASP A 209 14.60 -0.91 -2.89
CA ASP A 209 14.70 0.51 -2.56
C ASP A 209 15.59 1.20 -3.58
N PRO A 210 15.28 2.45 -3.94
CA PRO A 210 16.28 3.29 -4.65
C PRO A 210 17.40 3.65 -3.70
N ASP A 211 18.56 3.99 -4.27
CA ASP A 211 19.71 4.36 -3.44
C ASP A 211 20.56 5.37 -4.21
N LYS A 212 20.84 6.52 -3.59
CA LYS A 212 21.56 7.60 -4.29
C LYS A 212 23.02 7.25 -4.53
N ASP A 213 23.57 6.26 -3.82
CA ASP A 213 24.99 5.94 -3.90
C ASP A 213 25.27 4.68 -4.70
N VAL A 214 24.27 3.99 -5.21
CA VAL A 214 24.48 2.77 -5.98
C VAL A 214 24.34 3.11 -7.46
N GLN A 215 25.19 2.49 -8.28
CA GLN A 215 25.08 2.53 -9.73
C GLN A 215 24.71 1.13 -10.21
N GLY A 216 23.55 1.02 -10.86
CA GLY A 216 23.02 -0.28 -11.20
C GLY A 216 22.29 -0.90 -10.02
N TRP A 217 22.50 -2.20 -9.82
CA TRP A 217 21.85 -2.96 -8.77
C TRP A 217 22.84 -3.25 -7.65
N GLY A 218 22.43 -2.96 -6.41
CA GLY A 218 23.29 -3.20 -5.26
C GLY A 218 22.62 -4.11 -4.25
N GLU A 219 23.40 -4.55 -3.28
CA GLU A 219 22.91 -5.29 -2.13
C GLU A 219 22.03 -4.38 -1.29
N ASN A 220 20.93 -4.93 -0.79
CA ASN A 220 20.02 -4.17 0.05
C ASN A 220 20.27 -4.51 1.52
N ASP A 221 20.51 -3.47 2.34
CA ASP A 221 20.79 -3.64 3.77
C ASP A 221 19.69 -4.38 4.51
N ARG A 222 18.50 -4.42 3.95
CA ARG A 222 17.42 -5.18 4.56
C ARG A 222 17.72 -6.67 4.60
N GLY A 223 18.65 -7.15 3.78
CA GLY A 223 18.88 -8.59 3.71
C GLY A 223 18.00 -9.32 2.73
N VAL A 224 17.17 -8.58 1.98
CA VAL A 224 16.19 -9.06 1.03
C VAL A 224 16.29 -8.16 -0.20
N SER A 225 16.31 -8.76 -1.40
CA SER A 225 16.17 -7.99 -2.64
C SER A 225 17.34 -7.03 -2.87
N PHE A 226 17.09 -5.89 -3.50
CA PHE A 226 18.18 -5.09 -4.05
C PHE A 226 17.92 -3.61 -3.80
N THR A 227 18.98 -2.84 -4.00
CA THR A 227 18.86 -1.42 -4.24
C THR A 227 19.08 -1.16 -5.74
N PHE A 228 18.51 -0.07 -6.25
CA PHE A 228 18.73 0.32 -7.64
C PHE A 228 19.02 1.82 -7.71
N GLY A 229 19.89 2.20 -8.65
CA GLY A 229 20.30 3.58 -8.79
C GLY A 229 19.47 4.37 -9.80
N ALA A 230 19.83 5.65 -9.93
CA ALA A 230 19.09 6.57 -10.80
C ALA A 230 19.11 6.13 -12.26
N GLU A 231 20.20 5.49 -12.70
CA GLU A 231 20.26 5.08 -14.10
C GLU A 231 19.32 3.92 -14.39
N VAL A 232 19.11 3.04 -13.40
CA VAL A 232 18.12 1.98 -13.55
C VAL A 232 16.75 2.59 -13.78
N VAL A 233 16.42 3.64 -13.02
CA VAL A 233 15.12 4.28 -13.15
C VAL A 233 14.99 4.92 -14.54
N ALA A 234 16.01 5.64 -14.99
CA ALA A 234 15.87 6.35 -16.25
C ALA A 234 15.69 5.37 -17.41
N LYS A 235 16.43 4.26 -17.36
CA LYS A 235 16.33 3.24 -18.40
C LYS A 235 14.95 2.59 -18.40
N PHE A 236 14.44 2.25 -17.22
CA PHE A 236 13.10 1.68 -17.07
C PHE A 236 12.03 2.60 -17.68
N LEU A 237 12.07 3.89 -17.34
CA LEU A 237 11.04 4.81 -17.84
C LEU A 237 11.13 4.98 -19.34
N HIS A 238 12.34 5.07 -19.88
CA HIS A 238 12.48 5.21 -21.31
C HIS A 238 12.02 3.94 -22.02
N LYS A 239 12.46 2.78 -21.53
CA LYS A 239 12.12 1.52 -22.16
C LYS A 239 10.61 1.30 -22.23
N HIS A 240 9.91 1.59 -21.15
CA HIS A 240 8.48 1.31 -21.06
C HIS A 240 7.60 2.53 -21.37
N ASP A 241 8.21 3.64 -21.82
CA ASP A 241 7.44 4.84 -22.21
C ASP A 241 6.60 5.34 -21.04
N LEU A 242 7.24 5.45 -19.88
CA LEU A 242 6.63 5.89 -18.63
C LEU A 242 7.19 7.25 -18.22
N ASP A 243 6.44 7.97 -17.39
CA ASP A 243 6.90 9.26 -16.89
C ASP A 243 7.35 9.24 -15.44
N LEU A 244 6.90 8.29 -14.63
CA LEU A 244 7.13 8.37 -13.19
C LEU A 244 7.00 6.99 -12.58
N ILE A 245 7.90 6.65 -11.65
CA ILE A 245 7.69 5.58 -10.68
C ILE A 245 7.18 6.15 -9.37
N CYS A 246 6.07 5.59 -8.86
CA CYS A 246 5.49 5.99 -7.59
C CYS A 246 5.51 4.78 -6.67
N ARG A 247 6.25 4.89 -5.56
CA ARG A 247 6.43 3.77 -4.64
C ARG A 247 6.40 4.31 -3.22
N ALA A 248 6.49 3.37 -2.25
CA ALA A 248 6.39 3.74 -0.85
C ALA A 248 7.55 3.07 -0.10
N HIS A 249 7.29 2.40 1.03
CA HIS A 249 8.20 1.39 1.58
C HIS A 249 9.34 1.99 2.40
N GLN A 250 9.59 3.30 2.31
CA GLN A 250 10.59 3.95 3.15
C GLN A 250 10.03 5.25 3.72
N VAL A 251 10.25 5.46 5.02
CA VAL A 251 9.82 6.71 5.66
C VAL A 251 10.68 7.84 5.11
N VAL A 252 10.04 8.96 4.82
CA VAL A 252 10.72 10.14 4.30
C VAL A 252 10.20 11.34 5.07
N GLU A 253 11.10 12.29 5.35
CA GLU A 253 10.79 13.28 6.37
C GLU A 253 9.64 14.18 5.96
N ASP A 254 9.53 14.49 4.66
CA ASP A 254 8.51 15.42 4.19
C ASP A 254 7.22 14.73 3.71
N GLY A 255 7.10 13.42 3.88
CA GLY A 255 5.96 12.66 3.40
C GLY A 255 6.09 12.18 1.96
N TYR A 256 6.78 12.93 1.11
CA TYR A 256 7.14 12.48 -0.21
C TYR A 256 8.57 12.95 -0.48
N GLU A 257 9.24 12.26 -1.40
CA GLU A 257 10.62 12.57 -1.68
C GLU A 257 10.96 12.07 -3.08
N PHE A 258 11.52 12.95 -3.87
CA PHE A 258 11.87 12.65 -5.24
C PHE A 258 13.26 12.03 -5.32
N PHE A 259 13.48 11.27 -6.39
CA PHE A 259 14.72 10.58 -6.68
C PHE A 259 14.92 10.62 -8.20
N ALA A 260 16.18 10.69 -8.64
CA ALA A 260 16.49 10.54 -10.06
C ALA A 260 15.86 11.67 -10.88
N LYS A 261 16.15 12.91 -10.49
CA LYS A 261 15.64 14.11 -11.18
C LYS A 261 14.13 14.00 -11.42
N ARG A 262 13.41 13.64 -10.36
CA ARG A 262 11.94 13.59 -10.30
C ARG A 262 11.34 12.48 -11.15
N GLN A 263 12.10 11.44 -11.45
CA GLN A 263 11.56 10.32 -12.19
C GLN A 263 10.98 9.25 -11.28
N LEU A 264 11.28 9.32 -9.98
CA LEU A 264 10.71 8.41 -9.01
C LEU A 264 10.29 9.26 -7.82
N VAL A 265 9.17 8.89 -7.20
CA VAL A 265 8.76 9.52 -5.94
C VAL A 265 8.46 8.44 -4.92
N THR A 266 8.88 8.68 -3.68
CA THR A 266 8.56 7.82 -2.55
C THR A 266 7.46 8.52 -1.77
N LEU A 267 6.38 7.80 -1.50
CA LEU A 267 5.26 8.35 -0.74
C LEU A 267 5.11 7.57 0.57
N PHE A 268 4.88 8.30 1.65
CA PHE A 268 4.72 7.68 2.97
C PHE A 268 3.57 8.41 3.66
N SER A 269 2.56 7.69 4.12
CA SER A 269 1.37 8.37 4.60
C SER A 269 1.14 8.21 6.10
N ALA A 270 2.10 7.72 6.84
CA ALA A 270 1.92 7.60 8.29
C ALA A 270 2.76 8.68 8.97
N PRO A 271 2.17 9.81 9.38
CA PRO A 271 2.93 10.81 10.11
C PRO A 271 3.40 10.29 11.47
N ASN A 272 4.49 10.89 11.97
CA ASN A 272 5.09 10.50 13.24
C ASN A 272 5.21 8.98 13.35
N TYR A 273 5.83 8.40 12.33
CA TYR A 273 5.82 6.96 12.08
C TYR A 273 6.33 6.15 13.26
N CSO A 274 5.47 5.22 13.73
CA CSO A 274 5.61 4.38 14.93
CB CSO A 274 6.38 3.05 14.62
SG CSO A 274 7.96 3.22 13.74
C CSO A 274 6.25 5.12 16.10
O CSO A 274 7.04 4.57 16.86
OD CSO A 274 9.03 1.78 13.75
N GLY A 275 5.84 6.39 16.25
CA GLY A 275 6.24 7.21 17.38
C GLY A 275 7.70 7.62 17.37
N GLU A 276 8.52 6.96 16.55
CA GLU A 276 9.97 7.14 16.59
C GLU A 276 10.45 8.27 15.69
N PHE A 277 9.79 8.51 14.57
CA PHE A 277 10.14 9.55 13.62
C PHE A 277 9.21 10.75 13.75
N ASP A 278 9.66 11.89 13.26
CA ASP A 278 8.88 13.12 13.32
C ASP A 278 8.51 13.58 11.91
N ASN A 279 8.21 12.60 11.05
CA ASN A 279 7.95 12.81 9.63
C ASN A 279 6.51 13.28 9.40
N ALA A 280 6.33 14.05 8.32
CA ALA A 280 5.01 14.28 7.77
C ALA A 280 4.54 13.06 6.98
N GLY A 281 3.23 12.94 6.81
CA GLY A 281 2.68 12.05 5.81
C GLY A 281 2.29 12.88 4.58
N ALA A 282 2.24 12.23 3.42
CA ALA A 282 1.78 12.92 2.21
C ALA A 282 0.84 12.01 1.43
N MET A 283 -0.03 12.64 0.67
CA MET A 283 -0.90 11.97 -0.28
C MET A 283 -0.73 12.65 -1.64
N MET A 284 -0.51 11.89 -2.71
CA MET A 284 -0.30 12.46 -4.05
C MET A 284 -1.61 12.49 -4.85
N SER A 285 -2.01 13.66 -5.35
CA SER A 285 -3.15 13.74 -6.27
C SER A 285 -2.66 13.77 -7.71
N VAL A 286 -3.25 12.93 -8.56
CA VAL A 286 -3.00 12.94 -10.00
C VAL A 286 -4.28 13.42 -10.65
N ASP A 287 -4.22 14.54 -11.41
CA ASP A 287 -5.41 15.03 -12.09
C ASP A 287 -5.47 14.48 -13.52
N GLU A 288 -6.52 14.87 -14.27
CA GLU A 288 -6.78 14.28 -15.57
C GLU A 288 -5.71 14.62 -16.61
N THR A 289 -4.93 15.66 -16.41
CA THR A 289 -3.82 15.98 -17.29
C THR A 289 -2.51 15.36 -16.82
N LEU A 290 -2.56 14.45 -15.85
CA LEU A 290 -1.39 13.81 -15.28
C LEU A 290 -0.46 14.82 -14.61
N MET A 291 -1.03 15.85 -14.00
CA MET A 291 -0.23 16.68 -13.12
C MET A 291 -0.34 16.16 -11.70
N CYS A 292 0.79 16.08 -11.01
CA CYS A 292 0.81 15.55 -9.66
C CYS A 292 0.99 16.68 -8.65
N SER A 293 0.28 16.59 -7.53
CA SER A 293 0.44 17.56 -6.45
C SER A 293 0.35 16.80 -5.13
N PHE A 294 0.72 17.45 -4.04
CA PHE A 294 0.84 16.72 -2.78
C PHE A 294 0.07 17.43 -1.69
N GLN A 295 -0.68 16.67 -0.90
CA GLN A 295 -1.26 17.19 0.32
C GLN A 295 -0.46 16.65 1.50
N ILE A 296 -0.10 17.55 2.42
CA ILE A 296 0.84 17.25 3.49
C ILE A 296 0.07 17.17 4.80
N LEU A 297 0.35 16.12 5.59
CA LEU A 297 -0.18 15.98 6.95
C LEU A 297 0.97 16.04 7.95
N LYS A 298 1.06 17.14 8.67
CA LYS A 298 2.13 17.21 9.66
C LYS A 298 1.77 16.35 10.89
N PRO A 299 2.78 15.90 11.65
CA PRO A 299 2.50 15.10 12.85
C PRO A 299 1.46 15.72 13.81
MN MN B . 7.48 -1.70 3.25
MN MN C . 6.41 -0.34 5.32
FE FE D . 7.34 -2.16 3.00
FE FE E . 6.53 -0.03 5.89
P PO4 F . 8.96 -2.22 6.08
O1 PO4 F . 7.78 -1.43 6.59
O2 PO4 F . 9.27 -3.38 7.00
O3 PO4 F . 8.57 -2.72 4.67
O4 PO4 F . 10.13 -1.29 5.97
#